data_6JZL
#
_entry.id   6JZL
#
_cell.length_a   49.356
_cell.length_b   76.594
_cell.length_c   64.725
_cell.angle_alpha   90.00
_cell.angle_beta   105.32
_cell.angle_gamma   90.00
#
_symmetry.space_group_name_H-M   'P 1 21 1'
#
loop_
_entity.id
_entity.type
_entity.pdbx_description
1 polymer 'S-formylglutathione hydrolase'
2 water water
#
_entity_poly.entity_id   1
_entity_poly.type   'polypeptide(L)'
_entity_poly.pdbx_seq_one_letter_code
;MTIENMSVNKSFGGWHKQYSHQSQTLNCEMRFAIYLPPQASSGKKVPVLYWLSGLTCTDENFMQKAGAQALAAELGIAIV
APDTSPRGENVADDEGYDLGKGAGFYVNATQAPWNRHYRMYDYVVDELPKLIESMFPVSDKRSIAGHSMGGHGALVIALR
NADAYQSVSAFSPISNPINCPWGKKALTAYLGRDSATWMEYDASVLMRQATQFVPALVDQGDADNFLVEQLKPEVLEAAA
KVKGYPLELNYREGYDHSYYFISSFIENHLRFHAEHLGK
;
_entity_poly.pdbx_strand_id   A,B
#
# COMPACT_ATOMS: atom_id res chain seq x y z
N ILE A 3 24.64 -10.72 7.14
CA ILE A 3 23.46 -10.05 6.52
C ILE A 3 23.33 -10.47 5.06
N GLU A 4 22.10 -10.51 4.53
CA GLU A 4 21.84 -10.77 3.08
C GLU A 4 20.73 -9.85 2.55
N ASN A 5 20.99 -9.08 1.48
CA ASN A 5 19.94 -8.28 0.80
C ASN A 5 19.08 -9.24 0.00
N MET A 6 17.83 -9.41 0.41
CA MET A 6 16.84 -10.33 -0.21
C MET A 6 16.21 -9.66 -1.42
N SER A 7 15.80 -8.40 -1.32
CA SER A 7 15.14 -7.66 -2.44
C SER A 7 15.41 -6.16 -2.33
N VAL A 8 15.29 -5.48 -3.46
CA VAL A 8 15.59 -4.03 -3.57
C VAL A 8 14.64 -3.44 -4.61
N ASN A 9 14.01 -2.33 -4.28
CA ASN A 9 13.04 -1.59 -5.13
C ASN A 9 13.31 -0.08 -5.02
N LYS A 10 13.67 0.56 -6.12
CA LYS A 10 13.83 2.02 -6.11
C LYS A 10 12.46 2.59 -5.75
N SER A 11 12.48 3.60 -4.88
CA SER A 11 11.29 4.25 -4.28
C SER A 11 11.62 5.72 -3.98
N PHE A 12 10.96 6.63 -4.70
CA PHE A 12 11.02 8.10 -4.48
C PHE A 12 12.49 8.51 -4.46
N GLY A 13 13.26 7.96 -5.42
CA GLY A 13 14.66 8.33 -5.69
C GLY A 13 15.61 7.63 -4.74
N GLY A 14 15.09 6.83 -3.82
CA GLY A 14 15.90 6.11 -2.82
C GLY A 14 15.64 4.62 -2.94
N TRP A 15 15.83 3.87 -1.87
CA TRP A 15 15.83 2.39 -1.94
C TRP A 15 15.03 1.78 -0.79
N HIS A 16 13.97 1.04 -1.09
CA HIS A 16 13.33 0.02 -0.22
C HIS A 16 14.13 -1.30 -0.31
N LYS A 17 14.57 -1.84 0.83
CA LYS A 17 15.45 -3.05 0.87
C LYS A 17 14.95 -3.99 1.97
N GLN A 18 14.87 -5.29 1.66
CA GLN A 18 14.66 -6.43 2.61
C GLN A 18 16.01 -7.12 2.83
N TYR A 19 16.33 -7.28 4.10
CA TYR A 19 17.51 -7.98 4.61
C TYR A 19 17.03 -9.12 5.49
N SER A 20 17.72 -10.26 5.39
CA SER A 20 17.60 -11.33 6.40
C SER A 20 18.94 -11.38 7.10
N HIS A 21 18.90 -11.65 8.38
CA HIS A 21 20.12 -11.93 9.15
C HIS A 21 19.78 -12.98 10.19
N GLN A 22 20.84 -13.44 10.86
CA GLN A 22 20.80 -14.41 11.97
C GLN A 22 20.82 -13.59 13.26
N SER A 23 19.75 -13.64 14.04
CA SER A 23 19.62 -12.86 15.30
C SER A 23 20.19 -13.70 16.43
N GLN A 24 21.21 -13.23 17.13
CA GLN A 24 21.65 -13.85 18.40
C GLN A 24 20.56 -13.60 19.47
N THR A 25 19.91 -12.44 19.57
CA THR A 25 19.00 -12.25 20.73
C THR A 25 17.75 -13.10 20.51
N LEU A 26 17.29 -13.33 19.28
CA LEU A 26 16.04 -14.11 19.02
C LEU A 26 16.34 -15.57 18.64
N ASN A 27 17.62 -15.94 18.47
CA ASN A 27 18.04 -17.32 18.10
C ASN A 27 17.24 -17.79 16.90
N CYS A 28 17.05 -16.94 15.90
CA CYS A 28 16.43 -17.32 14.61
C CYS A 28 16.89 -16.40 13.49
N GLU A 29 16.49 -16.77 12.27
CA GLU A 29 16.68 -15.99 11.02
C GLU A 29 15.59 -14.92 10.97
N MET A 30 15.98 -13.63 10.90
CA MET A 30 15.04 -12.47 10.91
C MET A 30 15.11 -11.72 9.59
N ARG A 31 13.96 -11.15 9.24
CA ARG A 31 13.74 -10.23 8.12
C ARG A 31 13.39 -8.84 8.70
N PHE A 32 14.03 -7.81 8.19
CA PHE A 32 13.59 -6.42 8.39
C PHE A 32 13.67 -5.70 7.06
N ALA A 33 13.02 -4.55 6.99
CA ALA A 33 13.01 -3.69 5.78
C ALA A 33 13.57 -2.35 6.22
N ILE A 34 14.25 -1.69 5.30
CA ILE A 34 14.73 -0.31 5.47
C ILE A 34 14.33 0.50 4.25
N TYR A 35 13.80 1.71 4.45
CA TYR A 35 13.79 2.73 3.38
C TYR A 35 14.96 3.67 3.62
N LEU A 36 15.87 3.72 2.65
CA LEU A 36 16.97 4.69 2.61
C LEU A 36 16.58 5.82 1.66
N PRO A 37 16.48 7.08 2.12
CA PRO A 37 16.13 8.19 1.24
C PRO A 37 17.27 8.56 0.28
N PRO A 38 17.04 9.44 -0.74
CA PRO A 38 18.14 9.90 -1.61
C PRO A 38 19.38 10.41 -0.83
N GLN A 39 19.19 11.14 0.26
CA GLN A 39 20.30 11.81 1.01
C GLN A 39 21.27 10.77 1.58
N ALA A 40 20.84 9.51 1.68
CA ALA A 40 21.69 8.40 2.16
C ALA A 40 22.82 8.10 1.17
N SER A 41 22.56 8.35 -0.12
CA SER A 41 23.50 8.10 -1.25
C SER A 41 24.15 9.43 -1.67
N SER A 42 24.01 10.47 -0.83
CA SER A 42 24.62 11.81 -1.01
C SER A 42 25.72 12.02 0.03
N GLY A 43 26.11 10.97 0.77
CA GLY A 43 27.25 10.98 1.70
C GLY A 43 26.87 11.50 3.08
N LYS A 44 25.64 12.04 3.24
CA LYS A 44 25.15 12.52 4.56
C LYS A 44 24.55 11.34 5.32
N LYS A 45 24.98 11.15 6.57
CA LYS A 45 24.39 10.16 7.52
C LYS A 45 23.00 10.64 7.90
N VAL A 46 21.97 9.85 7.67
CA VAL A 46 20.56 10.27 7.96
C VAL A 46 20.14 9.70 9.32
N PRO A 47 19.22 10.37 10.03
CA PRO A 47 18.60 9.82 11.24
C PRO A 47 17.59 8.70 10.91
N VAL A 48 17.18 7.94 11.92
CA VAL A 48 16.34 6.72 11.71
C VAL A 48 15.07 6.83 12.53
N LEU A 49 13.96 6.51 11.88
CA LEU A 49 12.69 6.18 12.53
C LEU A 49 12.49 4.68 12.42
N TYR A 50 12.43 4.04 13.59
CA TYR A 50 11.98 2.64 13.77
C TYR A 50 10.45 2.63 13.74
N TRP A 51 9.85 1.80 12.90
CA TRP A 51 8.38 1.57 12.88
C TRP A 51 8.04 0.16 13.35
N LEU A 52 7.21 0.05 14.40
CA LEU A 52 6.76 -1.25 14.95
C LEU A 52 5.32 -1.51 14.49
N SER A 53 5.07 -2.64 13.83
CA SER A 53 3.74 -2.98 13.25
C SER A 53 2.91 -3.78 14.24
N GLY A 54 1.61 -3.94 13.92
CA GLY A 54 0.60 -4.60 14.77
C GLY A 54 0.56 -6.12 14.59
N LEU A 55 -0.40 -6.75 15.26
CA LEU A 55 -0.65 -8.19 15.16
C LEU A 55 -0.72 -8.61 13.70
N THR A 56 -0.03 -9.71 13.36
CA THR A 56 -0.13 -10.53 12.12
C THR A 56 0.75 -9.96 11.00
N CYS A 57 1.37 -8.81 11.23
CA CYS A 57 2.14 -8.08 10.20
C CYS A 57 3.55 -8.68 10.09
N THR A 58 4.15 -8.44 8.92
CA THR A 58 5.59 -8.58 8.59
C THR A 58 6.13 -7.17 8.39
N ASP A 59 7.33 -7.07 7.81
CA ASP A 59 8.02 -5.81 7.44
C ASP A 59 7.37 -5.16 6.21
N GLU A 60 6.49 -5.88 5.52
CA GLU A 60 5.96 -5.46 4.19
C GLU A 60 4.77 -4.52 4.36
N ASN A 61 3.92 -4.69 5.39
CA ASN A 61 2.64 -3.96 5.52
C ASN A 61 2.90 -2.44 5.48
N PHE A 62 3.75 -1.91 6.35
CA PHE A 62 3.97 -0.45 6.46
C PHE A 62 4.64 0.07 5.18
N MET A 63 5.63 -0.66 4.68
CA MET A 63 6.42 -0.28 3.49
C MET A 63 5.50 -0.16 2.25
N GLN A 64 4.51 -1.04 2.12
CA GLN A 64 3.61 -1.09 0.95
C GLN A 64 2.36 -0.23 1.13
N LYS A 65 1.87 0.03 2.36
CA LYS A 65 0.49 0.57 2.57
C LYS A 65 0.47 1.97 3.20
N ALA A 66 1.49 2.36 3.93
CA ALA A 66 1.52 3.61 4.74
C ALA A 66 1.82 4.84 3.86
N GLY A 67 2.44 4.67 2.70
CA GLY A 67 2.86 5.79 1.84
C GLY A 67 3.78 6.77 2.56
N ALA A 68 4.72 6.30 3.39
CA ALA A 68 5.71 7.09 4.15
C ALA A 68 6.95 7.42 3.31
N GLN A 69 7.18 6.77 2.16
CA GLN A 69 8.45 6.95 1.40
C GLN A 69 8.55 8.39 0.85
N ALA A 70 7.44 8.99 0.41
CA ALA A 70 7.45 10.32 -0.25
C ALA A 70 8.01 11.36 0.72
N LEU A 71 7.53 11.37 1.97
CA LEU A 71 7.99 12.39 2.93
C LEU A 71 9.30 11.97 3.61
N ALA A 72 9.60 10.68 3.73
CA ALA A 72 10.92 10.24 4.21
C ALA A 72 11.99 10.73 3.22
N ALA A 73 11.72 10.61 1.93
CA ALA A 73 12.62 11.04 0.83
C ALA A 73 12.79 12.56 0.88
N GLU A 74 11.69 13.28 1.06
CA GLU A 74 11.66 14.76 1.19
C GLU A 74 12.48 15.19 2.42
N LEU A 75 12.22 14.61 3.59
CA LEU A 75 12.75 15.09 4.91
C LEU A 75 14.13 14.51 5.15
N GLY A 76 14.49 13.47 4.41
CA GLY A 76 15.76 12.76 4.61
C GLY A 76 15.75 11.91 5.88
N ILE A 77 14.71 11.07 6.10
CA ILE A 77 14.63 10.13 7.26
C ILE A 77 14.78 8.72 6.71
N ALA A 78 15.66 7.90 7.28
CA ALA A 78 15.63 6.44 7.01
C ALA A 78 14.56 5.81 7.91
N ILE A 79 13.87 4.79 7.40
CA ILE A 79 12.83 4.06 8.16
C ILE A 79 13.19 2.57 8.16
N VAL A 80 13.17 1.95 9.36
CA VAL A 80 13.42 0.51 9.59
C VAL A 80 12.13 -0.10 10.14
N ALA A 81 11.65 -1.14 9.48
CA ALA A 81 10.46 -1.91 9.93
C ALA A 81 10.96 -3.30 10.33
N PRO A 82 11.13 -3.61 11.63
CA PRO A 82 11.42 -4.97 12.06
C PRO A 82 10.21 -5.87 11.77
N ASP A 83 10.41 -7.18 11.88
CA ASP A 83 9.27 -8.13 11.95
C ASP A 83 8.66 -7.97 13.34
N THR A 84 7.46 -8.53 13.55
CA THR A 84 6.62 -8.42 14.78
C THR A 84 6.93 -9.56 15.76
N SER A 85 7.72 -10.54 15.35
CA SER A 85 8.10 -11.70 16.19
C SER A 85 9.30 -12.42 15.55
N PRO A 86 9.92 -13.41 16.25
CA PRO A 86 10.81 -14.37 15.59
C PRO A 86 10.06 -15.23 14.56
N ARG A 87 10.76 -15.73 13.55
CA ARG A 87 10.20 -16.61 12.49
C ARG A 87 11.18 -17.76 12.18
N GLY A 88 10.66 -18.82 11.56
CA GLY A 88 11.41 -20.08 11.35
C GLY A 88 10.73 -21.26 12.06
N GLU A 89 10.92 -22.47 11.54
CA GLU A 89 10.37 -23.70 12.13
C GLU A 89 11.11 -24.06 13.42
N ASN A 90 12.20 -23.37 13.77
CA ASN A 90 12.84 -23.57 15.09
C ASN A 90 12.09 -22.77 16.16
N VAL A 91 11.15 -21.90 15.77
CA VAL A 91 10.52 -20.93 16.72
C VAL A 91 9.18 -21.47 17.22
N ALA A 92 8.94 -21.33 18.52
CA ALA A 92 7.68 -21.69 19.20
C ALA A 92 6.55 -20.88 18.59
N ASP A 93 5.39 -21.50 18.39
CA ASP A 93 4.20 -20.83 17.84
C ASP A 93 2.96 -21.31 18.60
N ASP A 94 1.90 -20.50 18.55
CA ASP A 94 0.49 -20.80 18.91
C ASP A 94 -0.37 -20.34 17.72
N GLU A 95 -1.32 -21.18 17.29
CA GLU A 95 -2.05 -20.94 16.02
C GLU A 95 -3.03 -19.77 16.19
N GLY A 96 -3.35 -19.40 17.44
CA GLY A 96 -3.96 -18.08 17.71
C GLY A 96 -3.22 -16.96 17.00
N TYR A 97 -3.97 -16.01 16.44
CA TYR A 97 -3.43 -14.79 15.79
C TYR A 97 -2.83 -13.86 16.86
N ASP A 98 -3.25 -13.96 18.12
CA ASP A 98 -2.85 -12.94 19.12
C ASP A 98 -1.79 -13.53 20.04
N LEU A 99 -1.03 -14.52 19.58
CA LEU A 99 0.02 -15.14 20.40
C LEU A 99 1.00 -15.87 19.49
N GLY A 100 2.29 -15.78 19.83
CA GLY A 100 3.38 -16.39 19.04
C GLY A 100 3.68 -15.61 17.78
N LYS A 101 3.83 -16.27 16.64
CA LYS A 101 4.36 -15.66 15.41
C LYS A 101 3.39 -14.57 14.97
N GLY A 102 3.92 -13.37 14.68
CA GLY A 102 3.14 -12.17 14.36
C GLY A 102 2.57 -11.44 15.58
N ALA A 103 2.95 -11.82 16.81
CA ALA A 103 2.30 -11.39 18.07
C ALA A 103 3.31 -11.31 19.21
N GLY A 104 4.47 -10.72 18.98
CA GLY A 104 5.57 -10.66 19.96
C GLY A 104 5.28 -9.73 21.11
N PHE A 105 4.43 -8.71 20.93
CA PHE A 105 4.07 -7.68 21.95
C PHE A 105 5.29 -6.91 22.44
N TYR A 106 6.40 -7.04 21.72
CA TYR A 106 7.60 -6.23 21.95
C TYR A 106 8.06 -6.38 23.41
N VAL A 107 7.97 -7.60 23.99
CA VAL A 107 8.45 -7.91 25.36
C VAL A 107 9.60 -8.90 25.29
N ASN A 108 10.30 -9.06 26.42
CA ASN A 108 11.22 -10.20 26.69
C ASN A 108 10.49 -11.25 27.55
N ALA A 109 10.15 -12.37 26.93
CA ALA A 109 9.46 -13.50 27.58
C ALA A 109 10.41 -14.23 28.53
N THR A 110 9.87 -14.64 29.65
CA THR A 110 10.58 -15.38 30.71
C THR A 110 9.98 -16.78 30.84
N GLN A 111 8.81 -17.04 30.24
CA GLN A 111 8.04 -18.29 30.39
C GLN A 111 8.30 -19.19 29.18
N ALA A 112 8.35 -20.50 29.40
CA ALA A 112 8.47 -21.56 28.37
C ALA A 112 7.13 -21.70 27.64
N PRO A 113 7.11 -22.02 26.34
CA PRO A 113 8.31 -22.16 25.52
C PRO A 113 8.93 -20.85 24.99
N TRP A 114 8.38 -19.71 25.37
CA TRP A 114 8.60 -18.40 24.73
C TRP A 114 9.99 -17.81 25.02
N ASN A 115 10.60 -18.05 26.18
CA ASN A 115 11.85 -17.36 26.58
C ASN A 115 13.02 -17.68 25.64
N ARG A 116 12.90 -18.67 24.77
CA ARG A 116 14.02 -19.09 23.88
C ARG A 116 14.11 -18.13 22.68
N HIS A 117 12.97 -17.63 22.18
CA HIS A 117 12.91 -16.84 20.92
C HIS A 117 12.37 -15.42 21.14
N TYR A 118 11.52 -15.18 22.15
CA TYR A 118 10.63 -13.97 22.21
C TYR A 118 11.25 -12.89 23.08
N ARG A 119 12.36 -12.32 22.58
CA ARG A 119 13.03 -11.14 23.16
C ARG A 119 12.95 -9.98 22.15
N MET A 120 11.75 -9.65 21.67
CA MET A 120 11.50 -8.53 20.70
C MET A 120 11.75 -7.16 21.34
N TYR A 121 11.63 -7.03 22.66
CA TYR A 121 12.11 -5.81 23.36
C TYR A 121 13.61 -5.66 23.10
N ASP A 122 14.41 -6.69 23.40
CA ASP A 122 15.89 -6.65 23.25
C ASP A 122 16.23 -6.46 21.76
N TYR A 123 15.51 -7.14 20.85
CA TYR A 123 15.79 -7.09 19.40
C TYR A 123 15.69 -5.63 18.94
N VAL A 124 14.62 -4.96 19.35
CA VAL A 124 14.27 -3.63 18.82
C VAL A 124 15.15 -2.57 19.50
N VAL A 125 15.46 -2.73 20.78
CA VAL A 125 16.19 -1.70 21.56
C VAL A 125 17.70 -1.84 21.39
N ASP A 126 18.20 -3.06 21.24
CA ASP A 126 19.67 -3.31 21.25
C ASP A 126 20.15 -3.84 19.90
N GLU A 127 19.75 -5.04 19.48
CA GLU A 127 20.45 -5.81 18.41
C GLU A 127 20.22 -5.10 17.07
N LEU A 128 18.97 -4.75 16.73
CA LEU A 128 18.68 -4.17 15.40
C LEU A 128 19.33 -2.80 15.24
N PRO A 129 19.26 -1.87 16.20
CA PRO A 129 19.88 -0.55 16.01
C PRO A 129 21.42 -0.61 15.90
N LYS A 130 22.08 -1.45 16.68
CA LYS A 130 23.56 -1.67 16.58
C LYS A 130 23.87 -2.12 15.16
N LEU A 131 23.03 -2.99 14.61
CA LEU A 131 23.17 -3.59 13.26
C LEU A 131 22.90 -2.53 12.20
N ILE A 132 21.88 -1.70 12.38
CA ILE A 132 21.58 -0.64 11.38
C ILE A 132 22.77 0.32 11.33
N GLU A 133 23.23 0.77 12.50
CA GLU A 133 24.31 1.78 12.60
C GLU A 133 25.64 1.23 12.06
N SER A 134 25.90 -0.06 12.13
CA SER A 134 27.19 -0.60 11.62
C SER A 134 27.10 -0.84 10.10
N MET A 135 25.91 -1.06 9.53
CA MET A 135 25.79 -1.53 8.12
C MET A 135 25.26 -0.44 7.15
N PHE A 136 24.77 0.69 7.68
CA PHE A 136 24.09 1.75 6.89
C PHE A 136 24.66 3.12 7.24
N PRO A 137 24.67 4.08 6.28
CA PRO A 137 25.10 5.45 6.57
C PRO A 137 24.01 6.24 7.31
N VAL A 138 23.84 5.90 8.58
CA VAL A 138 22.85 6.56 9.49
C VAL A 138 23.59 7.13 10.70
N SER A 139 23.09 8.25 11.21
CA SER A 139 23.57 8.88 12.46
C SER A 139 23.15 7.99 13.64
N ASP A 140 23.42 8.44 14.86
CA ASP A 140 23.02 7.74 16.10
C ASP A 140 21.72 8.39 16.64
N LYS A 141 21.10 9.25 15.85
CA LYS A 141 19.78 9.87 16.19
C LYS A 141 18.65 8.95 15.72
N ARG A 142 17.69 8.72 16.58
CA ARG A 142 16.57 7.82 16.22
C ARG A 142 15.33 8.26 16.98
N SER A 143 14.19 7.95 16.38
CA SER A 143 12.87 8.03 17.00
C SER A 143 12.18 6.69 16.76
N ILE A 144 11.06 6.48 17.41
CA ILE A 144 10.30 5.23 17.28
C ILE A 144 8.81 5.57 17.18
N ALA A 145 8.10 4.78 16.36
CA ALA A 145 6.65 4.92 16.11
C ALA A 145 6.07 3.54 15.88
N GLY A 146 4.78 3.35 16.04
CA GLY A 146 4.16 2.04 15.75
C GLY A 146 2.65 2.10 15.65
N HIS A 147 2.04 0.98 15.32
CA HIS A 147 0.57 0.81 15.23
C HIS A 147 0.10 -0.32 16.14
N SER A 148 -0.92 -0.04 16.96
CA SER A 148 -1.64 -1.04 17.80
C SER A 148 -0.66 -1.72 18.78
N MET A 149 -0.48 -3.04 18.71
CA MET A 149 0.64 -3.76 19.36
C MET A 149 1.95 -2.99 19.16
N GLY A 150 2.21 -2.53 17.94
CA GLY A 150 3.39 -1.70 17.61
C GLY A 150 3.41 -0.36 18.34
N GLY A 151 2.23 0.24 18.55
CA GLY A 151 2.02 1.50 19.29
C GLY A 151 2.32 1.32 20.76
N HIS A 152 1.89 0.19 21.31
CA HIS A 152 2.19 -0.21 22.70
C HIS A 152 3.71 -0.32 22.79
N GLY A 153 4.32 -1.00 21.83
CA GLY A 153 5.76 -1.27 21.79
C GLY A 153 6.53 0.03 21.67
N ALA A 154 6.08 0.96 20.82
CA ALA A 154 6.74 2.26 20.60
C ALA A 154 6.74 3.07 21.91
N LEU A 155 5.61 3.17 22.59
CA LEU A 155 5.50 4.11 23.75
C LEU A 155 6.30 3.53 24.91
N VAL A 156 6.14 2.23 25.12
CA VAL A 156 6.86 1.47 26.19
C VAL A 156 8.38 1.60 25.94
N ILE A 157 8.83 1.44 24.71
CA ILE A 157 10.29 1.49 24.44
C ILE A 157 10.80 2.91 24.69
N ALA A 158 10.10 3.91 24.15
CA ALA A 158 10.47 5.33 24.32
C ALA A 158 10.42 5.70 25.81
N LEU A 159 9.34 5.37 26.52
CA LEU A 159 9.25 5.83 27.94
C LEU A 159 10.41 5.23 28.73
N ARG A 160 10.86 4.01 28.41
CA ARG A 160 11.90 3.31 29.22
C ARG A 160 13.32 3.63 28.74
N ASN A 161 13.49 4.28 27.59
CA ASN A 161 14.81 4.61 26.99
C ASN A 161 14.81 6.04 26.50
N ALA A 162 14.46 6.96 27.38
CA ALA A 162 14.13 8.37 27.09
C ALA A 162 15.29 9.08 26.39
N ASP A 163 16.53 8.83 26.81
CA ASP A 163 17.75 9.45 26.22
C ASP A 163 18.07 8.84 24.85
N ALA A 164 17.71 7.60 24.55
CA ALA A 164 18.00 6.96 23.24
C ALA A 164 17.05 7.46 22.11
N TYR A 165 15.82 7.89 22.41
CA TYR A 165 14.77 8.25 21.40
C TYR A 165 14.43 9.72 21.47
N GLN A 166 14.41 10.41 20.33
CA GLN A 166 14.20 11.88 20.28
C GLN A 166 12.69 12.14 20.40
N SER A 167 11.90 11.15 20.01
CA SER A 167 10.44 11.36 19.84
C SER A 167 9.78 10.01 19.58
N VAL A 168 8.50 9.96 19.89
CA VAL A 168 7.70 8.72 19.84
C VAL A 168 6.33 9.11 19.29
N SER A 169 5.79 8.31 18.40
CA SER A 169 4.38 8.44 17.98
C SER A 169 3.74 7.06 17.86
N ALA A 170 2.42 7.04 17.79
CA ALA A 170 1.68 5.78 17.68
C ALA A 170 0.32 6.05 17.05
N PHE A 171 -0.19 5.04 16.39
CA PHE A 171 -1.52 5.02 15.77
C PHE A 171 -2.26 3.93 16.50
N SER A 172 -3.36 4.28 17.15
CA SER A 172 -4.24 3.27 17.75
C SER A 172 -3.44 2.32 18.64
N PRO A 173 -2.67 2.82 19.63
CA PRO A 173 -1.92 1.94 20.53
C PRO A 173 -2.78 1.12 21.48
N ILE A 174 -2.26 -0.03 21.87
CA ILE A 174 -2.78 -0.78 23.04
C ILE A 174 -2.23 -0.04 24.27
N SER A 175 -3.03 0.85 24.80
CA SER A 175 -2.59 1.87 25.77
C SER A 175 -2.33 1.21 27.12
N ASN A 176 -3.15 0.23 27.48
CA ASN A 176 -3.22 -0.28 28.87
C ASN A 176 -3.32 -1.78 28.82
N PRO A 177 -2.27 -2.42 28.31
CA PRO A 177 -2.28 -3.88 28.12
C PRO A 177 -2.58 -4.73 29.36
N ILE A 178 -2.27 -4.27 30.58
CA ILE A 178 -2.53 -5.11 31.78
C ILE A 178 -4.05 -5.31 31.94
N ASN A 179 -4.86 -4.53 31.21
CA ASN A 179 -6.34 -4.48 31.40
C ASN A 179 -7.08 -4.59 30.06
N CYS A 180 -6.55 -5.33 29.10
CA CYS A 180 -7.33 -5.70 27.90
C CYS A 180 -7.07 -7.17 27.58
N PRO A 181 -8.03 -7.85 26.89
CA PRO A 181 -7.87 -9.27 26.56
C PRO A 181 -6.56 -9.60 25.81
N TRP A 182 -6.19 -8.83 24.77
CA TRP A 182 -4.94 -9.03 23.99
C TRP A 182 -3.74 -9.03 24.92
N GLY A 183 -3.69 -8.05 25.82
CA GLY A 183 -2.54 -7.80 26.71
C GLY A 183 -2.44 -8.87 27.78
N LYS A 184 -3.53 -9.15 28.49
CA LYS A 184 -3.52 -10.18 29.55
C LYS A 184 -3.13 -11.54 28.97
N LYS A 185 -3.57 -11.87 27.78
CA LYS A 185 -3.34 -13.23 27.22
C LYS A 185 -1.85 -13.37 26.92
N ALA A 186 -1.29 -12.39 26.22
CA ALA A 186 0.13 -12.31 25.82
C ALA A 186 1.01 -12.16 27.06
N LEU A 187 0.63 -11.32 27.99
CA LEU A 187 1.49 -11.04 29.17
C LEU A 187 1.51 -12.28 30.09
N THR A 188 0.36 -12.91 30.21
CA THR A 188 0.16 -14.16 30.99
C THR A 188 1.04 -15.23 30.33
N ALA A 189 0.95 -15.39 29.01
CA ALA A 189 1.68 -16.44 28.27
C ALA A 189 3.18 -16.11 28.31
N TYR A 190 3.58 -14.87 28.05
CA TYR A 190 5.01 -14.50 27.91
C TYR A 190 5.69 -14.27 29.28
N LEU A 191 4.96 -13.75 30.27
CA LEU A 191 5.62 -13.34 31.54
C LEU A 191 5.02 -14.04 32.76
N GLY A 192 3.97 -14.87 32.59
CA GLY A 192 3.29 -15.53 33.72
C GLY A 192 2.20 -14.64 34.27
N ARG A 193 1.46 -15.11 35.28
CA ARG A 193 0.08 -14.64 35.62
C ARG A 193 0.15 -13.51 36.63
N ASP A 194 1.26 -13.39 37.35
CA ASP A 194 1.53 -12.30 38.34
C ASP A 194 1.76 -10.96 37.63
N SER A 195 0.83 -10.01 37.82
CA SER A 195 0.82 -8.67 37.18
C SER A 195 2.08 -7.86 37.53
N ALA A 196 2.73 -8.06 38.68
CA ALA A 196 3.88 -7.23 39.11
C ALA A 196 4.94 -7.13 37.98
N THR A 197 5.12 -8.18 37.20
CA THR A 197 6.19 -8.17 36.15
C THR A 197 5.67 -7.47 34.89
N TRP A 198 4.36 -7.18 34.80
CA TRP A 198 3.72 -6.57 33.61
C TRP A 198 3.93 -5.05 33.61
N MET A 199 4.08 -4.42 34.80
CA MET A 199 3.98 -2.94 34.99
C MET A 199 4.99 -2.21 34.09
N GLU A 200 6.14 -2.84 33.83
CA GLU A 200 7.25 -2.33 32.98
C GLU A 200 6.89 -2.44 31.48
N TYR A 201 5.75 -3.00 31.13
CA TYR A 201 5.35 -3.18 29.71
C TYR A 201 3.99 -2.53 29.48
N ASP A 202 3.63 -1.54 30.30
CA ASP A 202 2.32 -0.85 30.13
C ASP A 202 2.60 0.64 29.91
N ALA A 203 2.27 1.11 28.70
CA ALA A 203 2.45 2.51 28.27
C ALA A 203 1.82 3.43 29.32
N SER A 204 0.59 3.14 29.72
CA SER A 204 -0.18 4.01 30.66
C SER A 204 0.48 3.98 32.04
N VAL A 205 0.88 2.82 32.53
CA VAL A 205 1.50 2.69 33.87
C VAL A 205 2.84 3.45 33.88
N LEU A 206 3.70 3.23 32.88
CA LEU A 206 5.01 3.94 32.76
C LEU A 206 4.78 5.46 32.65
N MET A 207 3.85 5.90 31.82
CA MET A 207 3.61 7.35 31.55
C MET A 207 3.18 8.05 32.84
N ARG A 208 2.40 7.38 33.66
CA ARG A 208 1.84 7.95 34.91
C ARG A 208 2.99 8.21 35.91
N GLN A 209 4.12 7.50 35.79
CA GLN A 209 5.25 7.59 36.75
C GLN A 209 6.43 8.30 36.07
N ALA A 210 6.29 8.66 34.79
CA ALA A 210 7.40 9.18 33.98
C ALA A 210 8.02 10.43 34.64
N THR A 211 9.34 10.40 34.78
CA THR A 211 10.22 11.53 35.15
C THR A 211 10.82 12.18 33.90
N GLN A 212 11.35 11.36 32.99
CA GLN A 212 12.00 11.81 31.73
C GLN A 212 10.98 11.78 30.59
N PHE A 213 10.76 12.91 29.95
CA PHE A 213 9.73 13.07 28.90
C PHE A 213 10.40 12.81 27.56
N VAL A 214 9.68 12.09 26.70
CA VAL A 214 9.98 12.00 25.26
C VAL A 214 8.76 12.55 24.55
N PRO A 215 8.88 13.59 23.69
CA PRO A 215 7.74 14.16 22.99
C PRO A 215 6.92 13.06 22.30
N ALA A 216 5.59 13.14 22.41
CA ALA A 216 4.68 12.03 22.08
C ALA A 216 3.47 12.54 21.29
N LEU A 217 3.19 11.86 20.19
CA LEU A 217 2.02 12.14 19.34
C LEU A 217 1.28 10.84 19.08
N VAL A 218 -0.01 10.85 19.34
CA VAL A 218 -0.91 9.69 19.15
C VAL A 218 -2.11 10.15 18.34
N ASP A 219 -2.43 9.42 17.28
CA ASP A 219 -3.70 9.52 16.52
C ASP A 219 -4.54 8.24 16.78
N GLN A 220 -5.85 8.42 17.03
CA GLN A 220 -6.80 7.30 17.23
C GLN A 220 -8.04 7.53 16.36
N GLY A 221 -8.35 6.62 15.45
CA GLY A 221 -9.63 6.64 14.72
C GLY A 221 -10.78 6.36 15.67
N ASP A 222 -11.79 7.23 15.72
CA ASP A 222 -12.95 7.02 16.63
C ASP A 222 -13.92 5.94 16.10
N ALA A 223 -13.79 5.41 14.87
CA ALA A 223 -14.66 4.29 14.40
C ALA A 223 -13.88 2.98 14.34
N ASP A 224 -12.95 2.82 15.27
CA ASP A 224 -12.03 1.66 15.37
C ASP A 224 -12.75 0.59 16.19
N ASN A 225 -12.88 -0.60 15.62
CA ASN A 225 -13.65 -1.73 16.18
C ASN A 225 -12.97 -2.25 17.44
N PHE A 226 -11.69 -1.94 17.65
CA PHE A 226 -10.93 -2.46 18.81
C PHE A 226 -10.82 -1.38 19.90
N LEU A 227 -11.41 -0.20 19.67
CA LEU A 227 -11.11 1.00 20.49
C LEU A 227 -11.53 0.75 21.93
N VAL A 228 -12.78 0.30 22.13
CA VAL A 228 -13.45 0.16 23.47
C VAL A 228 -12.77 -1.00 24.20
N GLU A 229 -12.63 -2.15 23.56
CA GLU A 229 -12.25 -3.42 24.25
C GLU A 229 -10.72 -3.49 24.48
N GLN A 230 -9.91 -3.11 23.50
CA GLN A 230 -8.46 -3.42 23.47
C GLN A 230 -7.58 -2.16 23.62
N LEU A 231 -7.91 -1.02 23.00
CA LEU A 231 -6.89 0.07 22.79
C LEU A 231 -6.91 1.09 23.93
N LYS A 232 -8.11 1.43 24.40
CA LYS A 232 -8.37 2.16 25.66
C LYS A 232 -7.54 3.44 25.67
N PRO A 233 -7.65 4.30 24.64
CA PRO A 233 -6.88 5.54 24.59
C PRO A 233 -7.16 6.45 25.79
N GLU A 234 -8.39 6.38 26.36
CA GLU A 234 -8.84 7.20 27.51
C GLU A 234 -7.90 7.00 28.70
N VAL A 235 -7.27 5.83 28.83
CA VAL A 235 -6.37 5.54 30.00
C VAL A 235 -5.06 6.27 29.75
N LEU A 236 -4.64 6.39 28.50
CA LEU A 236 -3.38 7.11 28.14
C LEU A 236 -3.56 8.63 28.34
N GLU A 237 -4.73 9.18 28.00
CA GLU A 237 -5.07 10.60 28.29
C GLU A 237 -4.95 10.81 29.78
N ALA A 238 -5.63 9.98 30.56
CA ALA A 238 -5.67 10.08 32.03
C ALA A 238 -4.24 9.95 32.57
N ALA A 239 -3.43 9.09 31.99
CA ALA A 239 -2.07 8.82 32.49
C ALA A 239 -1.17 10.06 32.27
N ALA A 240 -1.40 10.82 31.19
CA ALA A 240 -0.63 12.04 30.86
C ALA A 240 -0.95 13.16 31.87
N LYS A 241 -2.18 13.26 32.37
CA LYS A 241 -2.58 14.33 33.32
C LYS A 241 -1.82 14.20 34.63
N VAL A 242 -1.33 13.01 34.97
CA VAL A 242 -0.74 12.76 36.33
C VAL A 242 0.53 13.59 36.50
N LYS A 243 1.52 13.51 35.60
CA LYS A 243 2.80 14.27 35.77
C LYS A 243 2.96 15.33 34.69
N GLY A 244 1.97 15.54 33.83
CA GLY A 244 1.99 16.58 32.78
C GLY A 244 2.78 16.13 31.57
N TYR A 245 2.58 14.88 31.13
CA TYR A 245 3.41 14.29 30.06
C TYR A 245 3.14 15.01 28.73
N PRO A 246 4.17 15.40 27.92
CA PRO A 246 3.95 16.00 26.60
C PRO A 246 3.39 14.99 25.59
N LEU A 247 2.10 14.71 25.75
CA LEU A 247 1.28 13.83 24.89
C LEU A 247 0.29 14.70 24.14
N GLU A 248 0.36 14.69 22.82
CA GLU A 248 -0.74 15.20 21.96
C GLU A 248 -1.55 14.00 21.54
N LEU A 249 -2.84 13.93 21.90
CA LEU A 249 -3.68 12.78 21.48
C LEU A 249 -4.93 13.24 20.75
N ASN A 250 -5.10 12.74 19.53
CA ASN A 250 -6.21 13.14 18.65
C ASN A 250 -7.13 11.94 18.43
N TYR A 251 -8.43 12.14 18.60
CA TYR A 251 -9.44 11.23 18.03
C TYR A 251 -9.73 11.76 16.62
N ARG A 252 -9.63 10.91 15.62
CA ARG A 252 -9.89 11.28 14.21
C ARG A 252 -11.25 10.73 13.83
N GLU A 253 -12.22 11.60 13.57
CA GLU A 253 -13.66 11.26 13.36
C GLU A 253 -13.81 10.36 12.10
N GLY A 254 -14.51 9.24 12.26
CA GLY A 254 -14.83 8.30 11.18
C GLY A 254 -13.66 7.42 10.78
N TYR A 255 -12.45 7.62 11.31
CA TYR A 255 -11.27 6.81 10.86
C TYR A 255 -11.29 5.47 11.61
N ASP A 256 -10.87 4.39 10.95
CA ASP A 256 -10.93 2.99 11.45
C ASP A 256 -9.52 2.57 11.86
N HIS A 257 -9.25 1.28 11.90
CA HIS A 257 -7.97 0.68 12.37
C HIS A 257 -6.94 0.54 11.23
N SER A 258 -7.36 0.72 9.98
CA SER A 258 -6.69 0.20 8.76
C SER A 258 -5.53 1.11 8.39
N TYR A 259 -4.76 0.72 7.37
CA TYR A 259 -3.67 1.55 6.81
C TYR A 259 -4.27 2.72 6.02
N TYR A 260 -5.57 2.73 5.72
CA TYR A 260 -6.23 3.96 5.19
C TYR A 260 -6.17 5.10 6.23
N PHE A 261 -6.41 4.80 7.50
CA PHE A 261 -6.25 5.75 8.64
C PHE A 261 -4.78 6.17 8.76
N ILE A 262 -3.89 5.20 8.91
CA ILE A 262 -2.44 5.46 9.16
C ILE A 262 -1.92 6.38 8.05
N SER A 263 -2.18 5.98 6.81
CA SER A 263 -1.71 6.69 5.60
C SER A 263 -2.19 8.15 5.67
N SER A 264 -3.42 8.36 6.10
CA SER A 264 -4.05 9.71 6.14
C SER A 264 -3.28 10.67 7.06
N PHE A 265 -2.53 10.21 8.06
CA PHE A 265 -1.91 11.09 9.07
C PHE A 265 -0.41 10.82 9.17
N ILE A 266 0.12 9.91 8.38
CA ILE A 266 1.55 9.55 8.52
C ILE A 266 2.40 10.79 8.20
N GLU A 267 1.90 11.71 7.41
CA GLU A 267 2.71 12.90 7.07
C GLU A 267 2.91 13.74 8.34
N ASN A 268 1.84 13.98 9.11
CA ASN A 268 1.94 14.75 10.38
C ASN A 268 2.98 14.06 11.27
N HIS A 269 3.00 12.72 11.30
CA HIS A 269 3.94 11.96 12.16
C HIS A 269 5.39 12.12 11.66
N LEU A 270 5.62 12.10 10.35
CA LEU A 270 7.01 12.20 9.83
C LEU A 270 7.55 13.60 10.13
N ARG A 271 6.70 14.64 10.09
CA ARG A 271 7.14 16.04 10.35
C ARG A 271 7.37 16.26 11.83
N PHE A 272 6.54 15.65 12.66
CA PHE A 272 6.74 15.62 14.13
C PHE A 272 8.13 15.03 14.41
N HIS A 273 8.40 13.85 13.88
CA HIS A 273 9.71 13.15 14.12
C HIS A 273 10.88 13.91 13.48
N ALA A 274 10.69 14.60 12.35
CA ALA A 274 11.78 15.35 11.65
C ALA A 274 12.23 16.49 12.56
N GLU A 275 11.25 17.20 13.10
CA GLU A 275 11.45 18.33 14.00
C GLU A 275 12.32 17.90 15.18
N HIS A 276 12.05 16.73 15.78
CA HIS A 276 12.78 16.31 17.01
C HIS A 276 14.10 15.65 16.61
N LEU A 277 14.21 15.05 15.42
CA LEU A 277 15.46 14.36 15.03
C LEU A 277 16.50 15.39 14.58
N GLY A 278 16.05 16.58 14.19
CA GLY A 278 16.91 17.66 13.68
C GLY A 278 17.36 18.57 14.79
N MET B 1 -29.87 -4.37 -12.19
CA MET B 1 -28.43 -4.19 -11.83
C MET B 1 -28.30 -3.96 -10.32
N THR B 2 -28.24 -5.04 -9.56
CA THR B 2 -28.21 -5.02 -8.08
C THR B 2 -26.79 -4.73 -7.58
N ILE B 3 -26.64 -3.83 -6.61
CA ILE B 3 -25.32 -3.42 -6.05
C ILE B 3 -25.40 -3.23 -4.54
N GLU B 4 -24.34 -3.60 -3.83
CA GLU B 4 -24.29 -3.44 -2.35
C GLU B 4 -22.86 -3.10 -1.88
N ASN B 5 -22.76 -2.11 -0.99
CA ASN B 5 -21.51 -1.79 -0.26
C ASN B 5 -20.99 -3.08 0.39
N MET B 6 -19.67 -3.30 0.32
CA MET B 6 -18.93 -4.37 1.05
C MET B 6 -18.09 -3.74 2.17
N SER B 7 -17.49 -2.56 1.96
CA SER B 7 -16.58 -1.93 2.95
C SER B 7 -16.45 -0.41 2.77
N VAL B 8 -15.99 0.26 3.84
CA VAL B 8 -15.83 1.74 3.91
C VAL B 8 -14.61 2.03 4.80
N ASN B 9 -13.64 2.75 4.27
CA ASN B 9 -12.51 3.25 5.09
C ASN B 9 -12.38 4.74 4.78
N LYS B 10 -12.56 5.61 5.77
CA LYS B 10 -12.25 7.04 5.55
C LYS B 10 -10.79 7.16 5.12
N SER B 11 -10.47 8.08 4.21
CA SER B 11 -9.11 8.27 3.62
C SER B 11 -8.94 9.71 3.12
N PHE B 12 -7.97 10.41 3.72
CA PHE B 12 -7.62 11.82 3.49
C PHE B 12 -8.89 12.66 3.41
N GLY B 13 -9.79 12.52 4.39
CA GLY B 13 -11.03 13.31 4.50
C GLY B 13 -12.12 12.82 3.55
N GLY B 14 -11.85 11.85 2.69
CA GLY B 14 -12.85 11.27 1.78
C GLY B 14 -13.03 9.81 2.11
N TRP B 15 -13.47 9.00 1.15
CA TRP B 15 -14.00 7.63 1.39
C TRP B 15 -13.51 6.64 0.34
N HIS B 16 -12.84 5.60 0.80
CA HIS B 16 -12.53 4.38 0.05
C HIS B 16 -13.65 3.39 0.34
N LYS B 17 -14.32 2.95 -0.73
CA LYS B 17 -15.46 2.02 -0.61
C LYS B 17 -15.27 0.88 -1.63
N GLN B 18 -15.59 -0.34 -1.20
CA GLN B 18 -15.76 -1.54 -2.04
C GLN B 18 -17.26 -1.81 -2.21
N TYR B 19 -17.69 -2.14 -3.43
CA TYR B 19 -19.02 -2.64 -3.79
C TYR B 19 -18.86 -3.93 -4.59
N SER B 20 -19.80 -4.84 -4.40
CA SER B 20 -20.10 -5.95 -5.30
C SER B 20 -21.35 -5.57 -6.07
N HIS B 21 -21.48 -6.01 -7.30
CA HIS B 21 -22.74 -5.83 -8.06
C HIS B 21 -22.93 -7.02 -9.00
N GLN B 22 -24.13 -7.14 -9.56
CA GLN B 22 -24.41 -8.16 -10.61
C GLN B 22 -24.13 -7.49 -11.96
N SER B 23 -23.07 -7.94 -12.64
CA SER B 23 -22.68 -7.48 -13.98
C SER B 23 -23.49 -8.27 -15.01
N GLN B 24 -24.30 -7.56 -15.80
CA GLN B 24 -25.03 -8.12 -16.97
C GLN B 24 -23.98 -8.48 -18.06
N THR B 25 -23.07 -7.56 -18.41
CA THR B 25 -22.02 -7.74 -19.45
C THR B 25 -21.19 -9.00 -19.17
N LEU B 26 -20.73 -9.20 -17.93
CA LEU B 26 -19.81 -10.31 -17.54
C LEU B 26 -20.63 -11.48 -16.98
N ASN B 27 -21.93 -11.28 -16.79
CA ASN B 27 -22.82 -12.43 -16.51
C ASN B 27 -22.35 -13.11 -15.21
N CYS B 28 -21.95 -12.33 -14.20
CA CYS B 28 -21.34 -12.79 -12.92
C CYS B 28 -21.37 -11.67 -11.88
N GLU B 29 -20.96 -11.97 -10.65
CA GLU B 29 -20.82 -10.97 -9.57
C GLU B 29 -19.40 -10.36 -9.55
N MET B 30 -19.30 -9.03 -9.54
CA MET B 30 -18.02 -8.28 -9.63
C MET B 30 -17.80 -7.43 -8.37
N ARG B 31 -16.55 -7.31 -7.95
CA ARG B 31 -16.10 -6.35 -6.92
C ARG B 31 -15.31 -5.24 -7.63
N PHE B 32 -15.63 -4.00 -7.29
CA PHE B 32 -14.79 -2.81 -7.58
C PHE B 32 -14.63 -1.96 -6.30
N ALA B 33 -13.66 -1.06 -6.39
CA ALA B 33 -13.37 -0.03 -5.36
C ALA B 33 -13.47 1.34 -6.01
N ILE B 34 -13.98 2.29 -5.22
CA ILE B 34 -14.01 3.73 -5.57
C ILE B 34 -13.33 4.50 -4.43
N TYR B 35 -12.54 5.53 -4.77
CA TYR B 35 -12.15 6.59 -3.80
C TYR B 35 -12.92 7.86 -4.16
N LEU B 36 -13.76 8.37 -3.25
CA LEU B 36 -14.41 9.71 -3.36
C LEU B 36 -13.61 10.74 -2.57
N PRO B 37 -13.11 11.84 -3.20
CA PRO B 37 -12.32 12.85 -2.50
C PRO B 37 -13.20 13.71 -1.59
N PRO B 38 -12.64 14.62 -0.76
CA PRO B 38 -13.44 15.41 0.18
C PRO B 38 -14.45 16.31 -0.53
N GLN B 39 -14.12 16.78 -1.74
CA GLN B 39 -14.95 17.73 -2.54
C GLN B 39 -16.21 17.04 -3.07
N ALA B 40 -16.26 15.69 -3.05
CA ALA B 40 -17.48 14.94 -3.43
C ALA B 40 -18.61 15.22 -2.45
N SER B 41 -18.32 15.32 -1.14
CA SER B 41 -19.28 15.56 -0.03
C SER B 41 -19.68 17.04 0.09
N SER B 42 -19.01 17.93 -0.64
CA SER B 42 -19.19 19.41 -0.59
C SER B 42 -19.98 19.89 -1.80
N GLY B 43 -20.88 19.06 -2.35
CA GLY B 43 -21.82 19.46 -3.42
C GLY B 43 -21.26 19.27 -4.83
N LYS B 44 -20.01 19.68 -5.07
CA LYS B 44 -19.31 19.49 -6.37
C LYS B 44 -19.37 18.02 -6.83
N LYS B 45 -19.69 17.81 -8.10
CA LYS B 45 -19.53 16.54 -8.86
C LYS B 45 -18.08 16.50 -9.34
N VAL B 46 -17.37 15.39 -9.13
CA VAL B 46 -15.89 15.31 -9.42
C VAL B 46 -15.65 14.51 -10.70
N PRO B 47 -14.57 14.78 -11.45
CA PRO B 47 -14.15 13.85 -12.51
C PRO B 47 -13.73 12.48 -11.95
N VAL B 48 -13.65 11.48 -12.82
CA VAL B 48 -13.20 10.09 -12.51
C VAL B 48 -11.97 9.68 -13.34
N LEU B 49 -10.98 9.15 -12.65
CA LEU B 49 -9.91 8.31 -13.24
C LEU B 49 -10.21 6.84 -12.94
N TYR B 50 -10.44 6.07 -14.02
CA TYR B 50 -10.48 4.59 -14.06
C TYR B 50 -9.03 4.06 -14.05
N TRP B 51 -8.74 3.14 -13.16
CA TRP B 51 -7.40 2.52 -13.00
C TRP B 51 -7.50 1.04 -13.32
N LEU B 52 -6.81 0.57 -14.36
CA LEU B 52 -6.81 -0.87 -14.71
C LEU B 52 -5.53 -1.50 -14.16
N SER B 53 -5.69 -2.58 -13.40
CA SER B 53 -4.54 -3.22 -12.74
C SER B 53 -4.02 -4.37 -13.62
N GLY B 54 -2.87 -4.91 -13.26
CA GLY B 54 -2.15 -5.91 -14.06
C GLY B 54 -2.49 -7.31 -13.62
N LEU B 55 -1.71 -8.25 -14.12
CA LEU B 55 -1.89 -9.69 -13.86
C LEU B 55 -1.89 -9.95 -12.35
N THR B 56 -2.81 -10.83 -11.90
CA THR B 56 -2.95 -11.38 -10.51
C THR B 56 -3.70 -10.40 -9.60
N CYS B 57 -3.91 -9.16 -10.03
CA CYS B 57 -4.42 -8.08 -9.17
C CYS B 57 -5.95 -8.21 -8.99
N THR B 58 -6.45 -7.66 -7.88
CA THR B 58 -7.87 -7.29 -7.65
C THR B 58 -7.91 -5.77 -7.55
N ASP B 59 -9.04 -5.20 -7.15
CA ASP B 59 -9.18 -3.75 -6.87
C ASP B 59 -8.29 -3.33 -5.69
N GLU B 60 -7.95 -4.26 -4.78
CA GLU B 60 -7.31 -3.92 -3.48
C GLU B 60 -5.90 -3.38 -3.70
N ASN B 61 -5.15 -3.97 -4.61
CA ASN B 61 -3.69 -3.68 -4.75
C ASN B 61 -3.48 -2.17 -4.96
N PHE B 62 -4.14 -1.57 -5.95
CA PHE B 62 -3.96 -0.14 -6.29
C PHE B 62 -4.32 0.70 -5.07
N MET B 63 -5.48 0.44 -4.49
CA MET B 63 -6.08 1.27 -3.42
C MET B 63 -5.17 1.23 -2.20
N GLN B 64 -4.68 0.05 -1.83
CA GLN B 64 -3.82 -0.13 -0.65
C GLN B 64 -2.39 0.38 -0.91
N LYS B 65 -1.81 0.30 -2.12
CA LYS B 65 -0.33 0.38 -2.29
C LYS B 65 0.11 1.53 -3.21
N ALA B 66 -0.76 2.11 -4.02
CA ALA B 66 -0.36 3.09 -5.06
C ALA B 66 -0.06 4.46 -4.44
N GLY B 67 -0.62 4.75 -3.26
CA GLY B 67 -0.51 6.06 -2.55
C GLY B 67 -1.20 7.23 -3.27
N ALA B 68 -2.31 7.00 -3.98
CA ALA B 68 -2.96 7.96 -4.92
C ALA B 68 -4.01 8.79 -4.20
N GLN B 69 -4.53 8.33 -3.06
CA GLN B 69 -5.68 9.01 -2.40
C GLN B 69 -5.28 10.41 -1.97
N ALA B 70 -4.03 10.62 -1.52
CA ALA B 70 -3.56 11.90 -0.96
C ALA B 70 -3.70 12.97 -2.04
N LEU B 71 -3.21 12.71 -3.26
CA LEU B 71 -3.30 13.73 -4.35
C LEU B 71 -4.69 13.74 -4.99
N ALA B 72 -5.44 12.65 -4.95
CA ALA B 72 -6.83 12.62 -5.44
C ALA B 72 -7.70 13.57 -4.59
N ALA B 73 -7.51 13.56 -3.27
CA ALA B 73 -8.22 14.42 -2.29
C ALA B 73 -7.84 15.89 -2.50
N GLU B 74 -6.56 16.21 -2.63
CA GLU B 74 -6.08 17.59 -2.86
C GLU B 74 -6.56 18.09 -4.24
N LEU B 75 -6.60 17.24 -5.27
CA LEU B 75 -6.96 17.64 -6.66
C LEU B 75 -8.46 17.49 -6.91
N GLY B 76 -9.19 16.67 -6.15
CA GLY B 76 -10.65 16.48 -6.32
C GLY B 76 -11.01 15.53 -7.44
N ILE B 77 -10.36 14.36 -7.49
CA ILE B 77 -10.57 13.32 -8.53
C ILE B 77 -11.08 12.08 -7.80
N ALA B 78 -12.20 11.53 -8.25
CA ALA B 78 -12.67 10.16 -7.88
C ALA B 78 -11.77 9.18 -8.62
N ILE B 79 -11.37 8.08 -7.97
CA ILE B 79 -10.64 6.95 -8.59
C ILE B 79 -11.54 5.71 -8.50
N VAL B 80 -11.76 5.07 -9.64
CA VAL B 80 -12.47 3.77 -9.76
C VAL B 80 -11.47 2.70 -10.19
N ALA B 81 -11.37 1.60 -9.44
CA ALA B 81 -10.50 0.45 -9.71
C ALA B 81 -11.39 -0.77 -9.90
N PRO B 82 -11.66 -1.20 -11.16
CA PRO B 82 -12.34 -2.48 -11.39
C PRO B 82 -11.44 -3.65 -10.99
N ASP B 83 -12.03 -4.84 -10.92
CA ASP B 83 -11.32 -6.15 -10.86
C ASP B 83 -10.73 -6.46 -12.26
N THR B 84 -10.04 -7.59 -12.45
CA THR B 84 -9.20 -7.79 -13.66
C THR B 84 -9.83 -8.84 -14.57
N SER B 85 -10.96 -9.39 -14.16
CA SER B 85 -11.59 -10.56 -14.81
C SER B 85 -12.96 -10.78 -14.19
N PRO B 86 -13.91 -11.47 -14.87
CA PRO B 86 -15.03 -12.09 -14.18
C PRO B 86 -14.52 -13.00 -13.06
N ARG B 87 -15.34 -13.17 -12.03
CA ARG B 87 -15.13 -14.07 -10.87
C ARG B 87 -16.37 -14.94 -10.67
N GLY B 88 -16.19 -16.13 -10.08
CA GLY B 88 -17.31 -17.06 -9.81
C GLY B 88 -17.01 -18.47 -10.30
N GLU B 89 -17.72 -19.43 -9.77
CA GLU B 89 -17.44 -20.87 -9.99
C GLU B 89 -17.78 -21.22 -11.44
N ASN B 90 -18.68 -20.49 -12.10
CA ASN B 90 -19.06 -20.80 -13.51
C ASN B 90 -18.04 -20.23 -14.52
N VAL B 91 -17.07 -19.41 -14.06
CA VAL B 91 -16.20 -18.58 -14.94
C VAL B 91 -14.99 -19.40 -15.42
N ALA B 92 -14.79 -19.55 -16.73
CA ALA B 92 -13.61 -20.26 -17.30
C ALA B 92 -12.33 -19.75 -16.62
N ASP B 93 -11.39 -20.65 -16.38
CA ASP B 93 -10.10 -20.29 -15.76
C ASP B 93 -8.98 -21.10 -16.41
N ASP B 94 -7.75 -20.70 -16.12
CA ASP B 94 -6.51 -21.42 -16.47
C ASP B 94 -5.53 -21.20 -15.31
N GLU B 95 -5.03 -22.30 -14.73
CA GLU B 95 -4.10 -22.31 -13.59
C GLU B 95 -3.00 -21.26 -13.78
N GLY B 96 -2.62 -20.96 -15.03
CA GLY B 96 -1.59 -19.96 -15.39
C GLY B 96 -1.90 -18.58 -14.84
N TYR B 97 -0.93 -17.92 -14.21
CA TYR B 97 -0.99 -16.50 -13.75
C TYR B 97 -1.28 -15.59 -14.96
N ASP B 98 -0.86 -15.97 -16.17
CA ASP B 98 -0.94 -15.10 -17.38
C ASP B 98 -2.22 -15.37 -18.21
N LEU B 99 -3.12 -16.25 -17.76
CA LEU B 99 -4.38 -16.52 -18.49
C LEU B 99 -5.52 -16.86 -17.53
N GLY B 100 -6.71 -16.33 -17.83
CA GLY B 100 -7.96 -16.57 -17.08
C GLY B 100 -8.22 -15.53 -16.00
N LYS B 101 -8.59 -15.99 -14.82
CA LYS B 101 -8.95 -15.13 -13.67
C LYS B 101 -7.69 -14.34 -13.28
N GLY B 102 -7.85 -13.03 -13.09
CA GLY B 102 -6.69 -12.13 -12.87
C GLY B 102 -6.04 -11.69 -14.18
N ALA B 103 -6.62 -12.08 -15.34
CA ALA B 103 -5.93 -11.99 -16.66
C ALA B 103 -6.89 -11.78 -17.84
N GLY B 104 -7.93 -10.96 -17.72
CA GLY B 104 -8.99 -10.83 -18.74
C GLY B 104 -8.57 -10.03 -19.96
N PHE B 105 -7.43 -9.34 -19.83
CA PHE B 105 -6.67 -8.65 -20.90
C PHE B 105 -7.51 -7.56 -21.54
N TYR B 106 -8.57 -7.15 -20.82
CA TYR B 106 -9.49 -6.04 -21.20
C TYR B 106 -9.95 -6.16 -22.65
N VAL B 107 -10.32 -7.36 -23.07
CA VAL B 107 -10.85 -7.64 -24.43
C VAL B 107 -12.31 -8.13 -24.32
N ASN B 108 -13.04 -8.14 -25.44
CA ASN B 108 -14.30 -8.91 -25.61
C ASN B 108 -13.96 -10.24 -26.29
N ALA B 109 -13.70 -11.28 -25.47
CA ALA B 109 -13.51 -12.69 -25.88
C ALA B 109 -14.63 -13.17 -26.82
N THR B 110 -14.30 -13.71 -27.98
CA THR B 110 -15.32 -14.23 -28.93
C THR B 110 -15.33 -15.76 -28.88
N GLN B 111 -14.28 -16.40 -28.34
CA GLN B 111 -14.12 -17.88 -28.38
C GLN B 111 -14.65 -18.44 -27.07
N ALA B 112 -15.29 -19.62 -27.14
CA ALA B 112 -15.66 -20.49 -26.00
C ALA B 112 -14.40 -21.12 -25.42
N PRO B 113 -14.30 -21.37 -24.08
CA PRO B 113 -15.36 -21.09 -23.09
C PRO B 113 -15.41 -19.65 -22.54
N TRP B 114 -14.47 -18.82 -22.98
CA TRP B 114 -14.18 -17.47 -22.45
C TRP B 114 -15.34 -16.56 -22.73
N ASN B 115 -16.00 -16.74 -23.88
CA ASN B 115 -17.07 -15.86 -24.38
C ASN B 115 -18.31 -15.90 -23.48
N ARG B 116 -18.36 -16.83 -22.54
CA ARG B 116 -19.47 -16.90 -21.58
C ARG B 116 -19.44 -15.72 -20.59
N HIS B 117 -18.27 -15.15 -20.28
CA HIS B 117 -18.05 -14.19 -19.15
C HIS B 117 -17.04 -13.07 -19.45
N TYR B 118 -16.02 -13.32 -20.28
CA TYR B 118 -14.86 -12.42 -20.42
C TYR B 118 -15.14 -11.33 -21.44
N ARG B 119 -15.88 -10.29 -21.02
CA ARG B 119 -16.18 -9.05 -21.78
C ARG B 119 -15.66 -7.87 -20.95
N MET B 120 -14.42 -7.97 -20.47
CA MET B 120 -13.78 -6.96 -19.59
C MET B 120 -13.69 -5.61 -20.31
N TYR B 121 -13.62 -5.62 -21.65
CA TYR B 121 -13.65 -4.38 -22.46
C TYR B 121 -15.00 -3.67 -22.25
N ASP B 122 -16.09 -4.35 -22.58
CA ASP B 122 -17.46 -3.79 -22.52
C ASP B 122 -17.73 -3.36 -21.07
N TYR B 123 -17.40 -4.20 -20.10
CA TYR B 123 -17.52 -3.88 -18.65
C TYR B 123 -16.84 -2.53 -18.30
N VAL B 124 -15.57 -2.33 -18.72
CA VAL B 124 -14.78 -1.13 -18.34
C VAL B 124 -15.24 0.10 -19.15
N VAL B 125 -15.64 -0.09 -20.42
CA VAL B 125 -15.98 1.03 -21.33
C VAL B 125 -17.46 1.42 -21.16
N ASP B 126 -18.38 0.46 -20.93
CA ASP B 126 -19.85 0.70 -21.05
C ASP B 126 -20.53 0.54 -19.67
N GLU B 127 -20.64 -0.68 -19.14
CA GLU B 127 -21.41 -0.96 -17.90
C GLU B 127 -20.91 -0.15 -16.69
N LEU B 128 -19.62 -0.30 -16.35
CA LEU B 128 -19.10 0.19 -15.05
C LEU B 128 -19.27 1.70 -15.03
N PRO B 129 -18.86 2.43 -16.08
CA PRO B 129 -19.02 3.90 -16.10
C PRO B 129 -20.48 4.34 -15.91
N LYS B 130 -21.46 3.71 -16.58
CA LYS B 130 -22.90 4.05 -16.40
C LYS B 130 -23.36 3.77 -14.97
N LEU B 131 -22.96 2.63 -14.38
CA LEU B 131 -23.30 2.29 -12.96
C LEU B 131 -22.75 3.35 -11.99
N ILE B 132 -21.51 3.81 -12.18
CA ILE B 132 -20.80 4.78 -11.28
C ILE B 132 -21.55 6.11 -11.29
N GLU B 133 -21.88 6.61 -12.48
CA GLU B 133 -22.56 7.90 -12.75
C GLU B 133 -23.93 7.93 -12.09
N SER B 134 -24.69 6.84 -12.17
CA SER B 134 -26.08 6.74 -11.65
C SER B 134 -26.07 6.69 -10.12
N MET B 135 -24.91 6.47 -9.48
CA MET B 135 -24.78 6.10 -8.04
C MET B 135 -23.97 7.13 -7.24
N PHE B 136 -23.03 7.86 -7.84
CA PHE B 136 -22.01 8.66 -7.10
C PHE B 136 -21.93 10.09 -7.63
N PRO B 137 -21.38 11.00 -6.80
CA PRO B 137 -21.19 12.39 -7.21
C PRO B 137 -20.03 12.63 -8.20
N VAL B 138 -20.09 11.95 -9.35
CA VAL B 138 -19.03 12.05 -10.41
C VAL B 138 -19.59 12.80 -11.63
N SER B 139 -18.78 13.67 -12.24
CA SER B 139 -19.13 14.41 -13.47
C SER B 139 -19.18 13.43 -14.65
N ASP B 140 -19.24 14.00 -15.86
CA ASP B 140 -19.17 13.29 -17.17
C ASP B 140 -17.70 13.14 -17.60
N LYS B 141 -16.80 13.93 -16.99
CA LYS B 141 -15.37 14.02 -17.36
C LYS B 141 -14.62 12.84 -16.75
N ARG B 142 -14.07 11.96 -17.61
CA ARG B 142 -13.33 10.74 -17.20
C ARG B 142 -12.00 10.62 -17.95
N SER B 143 -11.05 9.99 -17.28
CA SER B 143 -9.71 9.66 -17.84
C SER B 143 -9.43 8.20 -17.50
N ILE B 144 -8.38 7.63 -18.06
CA ILE B 144 -8.05 6.19 -17.82
C ILE B 144 -6.53 6.00 -17.73
N ALA B 145 -6.11 5.04 -16.93
CA ALA B 145 -4.69 4.75 -16.64
C ALA B 145 -4.60 3.30 -16.20
N GLY B 146 -3.39 2.75 -16.11
CA GLY B 146 -3.19 1.40 -15.60
C GLY B 146 -1.76 0.93 -15.70
N HIS B 147 -1.55 -0.29 -15.22
CA HIS B 147 -0.23 -0.92 -15.02
C HIS B 147 -0.20 -2.23 -15.81
N SER B 148 0.76 -2.34 -16.71
CA SER B 148 1.17 -3.59 -17.42
C SER B 148 0.01 -4.07 -18.30
N MET B 149 -0.65 -5.17 -17.96
CA MET B 149 -1.90 -5.64 -18.62
C MET B 149 -2.92 -4.51 -18.59
N GLY B 150 -2.96 -3.81 -17.46
CA GLY B 150 -3.81 -2.62 -17.24
C GLY B 150 -3.37 -1.43 -18.08
N GLY B 151 -2.11 -1.33 -18.41
CA GLY B 151 -1.63 -0.23 -19.26
C GLY B 151 -1.99 -0.48 -20.70
N HIS B 152 -1.95 -1.75 -21.10
CA HIS B 152 -2.42 -2.22 -22.41
C HIS B 152 -3.87 -1.77 -22.54
N GLY B 153 -4.69 -2.13 -21.54
CA GLY B 153 -6.15 -1.91 -21.61
C GLY B 153 -6.46 -0.41 -21.63
N ALA B 154 -5.74 0.34 -20.83
CA ALA B 154 -5.99 1.79 -20.73
C ALA B 154 -5.71 2.40 -22.08
N LEU B 155 -4.62 2.00 -22.73
CA LEU B 155 -4.19 2.63 -24.01
C LEU B 155 -5.17 2.23 -25.12
N VAL B 156 -5.56 0.97 -25.13
CA VAL B 156 -6.48 0.41 -26.16
C VAL B 156 -7.81 1.15 -26.02
N ILE B 157 -8.35 1.18 -24.82
CA ILE B 157 -9.69 1.82 -24.55
C ILE B 157 -9.65 3.29 -24.97
N ALA B 158 -8.62 4.05 -24.57
CA ALA B 158 -8.50 5.50 -24.88
C ALA B 158 -8.37 5.72 -26.39
N LEU B 159 -7.68 4.81 -27.10
CA LEU B 159 -7.41 5.01 -28.54
C LEU B 159 -8.68 4.67 -29.33
N ARG B 160 -9.48 3.73 -28.83
CA ARG B 160 -10.77 3.33 -29.45
C ARG B 160 -11.91 4.27 -29.05
N ASN B 161 -11.72 5.14 -28.04
CA ASN B 161 -12.83 5.93 -27.45
C ASN B 161 -12.39 7.38 -27.11
N ALA B 162 -11.78 8.10 -28.04
CA ALA B 162 -11.06 9.37 -27.77
C ALA B 162 -12.01 10.50 -27.33
N ASP B 163 -13.24 10.51 -27.82
CA ASP B 163 -14.32 11.41 -27.34
C ASP B 163 -14.58 11.23 -25.83
N ALA B 164 -14.60 9.99 -25.33
CA ALA B 164 -15.14 9.64 -24.01
C ALA B 164 -14.07 9.82 -22.91
N TYR B 165 -12.79 9.98 -23.25
CA TYR B 165 -11.71 10.19 -22.25
C TYR B 165 -10.83 11.39 -22.54
N GLN B 166 -10.52 12.16 -21.50
CA GLN B 166 -9.73 13.42 -21.60
C GLN B 166 -8.24 13.12 -21.65
N SER B 167 -7.79 12.06 -21.01
CA SER B 167 -6.34 11.71 -20.97
C SER B 167 -6.18 10.22 -20.60
N VAL B 168 -5.00 9.70 -20.88
CA VAL B 168 -4.61 8.29 -20.60
C VAL B 168 -3.14 8.28 -20.15
N SER B 169 -2.84 7.51 -19.13
CA SER B 169 -1.44 7.25 -18.75
C SER B 169 -1.32 5.76 -18.47
N ALA B 170 -0.11 5.31 -18.27
CA ALA B 170 0.21 3.88 -18.20
C ALA B 170 1.56 3.76 -17.53
N PHE B 171 1.70 2.76 -16.66
CA PHE B 171 3.01 2.32 -16.14
C PHE B 171 3.33 0.96 -16.74
N SER B 172 4.49 0.83 -17.37
CA SER B 172 5.04 -0.48 -17.79
C SER B 172 4.03 -1.18 -18.69
N PRO B 173 3.40 -0.51 -19.66
CA PRO B 173 2.32 -1.15 -20.43
C PRO B 173 2.85 -2.23 -21.39
N ILE B 174 1.97 -3.16 -21.68
CA ILE B 174 2.18 -4.14 -22.78
C ILE B 174 1.83 -3.39 -24.04
N SER B 175 2.86 -2.90 -24.72
CA SER B 175 2.73 -1.94 -25.84
C SER B 175 2.21 -2.66 -27.10
N ASN B 176 2.70 -3.88 -27.35
CA ASN B 176 2.54 -4.63 -28.63
C ASN B 176 2.18 -6.08 -28.30
N PRO B 177 0.96 -6.34 -27.76
CA PRO B 177 0.53 -7.69 -27.41
C PRO B 177 0.51 -8.73 -28.56
N ILE B 178 0.28 -8.31 -29.81
CA ILE B 178 0.27 -9.27 -30.95
C ILE B 178 1.67 -9.87 -31.19
N ASN B 179 2.75 -9.34 -30.62
CA ASN B 179 4.14 -9.86 -30.83
C ASN B 179 4.91 -10.02 -29.49
N CYS B 180 4.26 -10.49 -28.42
CA CYS B 180 4.95 -10.86 -27.15
C CYS B 180 4.24 -12.06 -26.53
N PRO B 181 4.89 -12.88 -25.66
CA PRO B 181 4.31 -14.15 -25.20
C PRO B 181 2.96 -14.01 -24.45
N TRP B 182 2.87 -13.08 -23.49
CA TRP B 182 1.66 -12.80 -22.69
C TRP B 182 0.51 -12.50 -23.63
N GLY B 183 0.76 -11.55 -24.52
CA GLY B 183 -0.11 -11.09 -25.60
C GLY B 183 -0.58 -12.26 -26.45
N LYS B 184 0.35 -13.05 -26.99
CA LYS B 184 0.05 -14.11 -27.99
C LYS B 184 -0.84 -15.20 -27.35
N LYS B 185 -0.48 -15.67 -26.16
CA LYS B 185 -1.23 -16.72 -25.45
C LYS B 185 -2.69 -16.27 -25.24
N ALA B 186 -2.87 -15.08 -24.67
CA ALA B 186 -4.19 -14.62 -24.22
C ALA B 186 -5.04 -14.25 -25.44
N LEU B 187 -4.48 -13.60 -26.46
CA LEU B 187 -5.28 -13.21 -27.66
C LEU B 187 -5.63 -14.48 -28.45
N THR B 188 -4.77 -15.48 -28.41
CA THR B 188 -5.04 -16.79 -29.04
C THR B 188 -6.24 -17.39 -28.34
N ALA B 189 -6.12 -17.64 -27.02
CA ALA B 189 -7.24 -18.21 -26.22
C ALA B 189 -8.54 -17.45 -26.50
N TYR B 190 -8.56 -16.12 -26.43
CA TYR B 190 -9.83 -15.37 -26.27
C TYR B 190 -10.45 -15.00 -27.63
N LEU B 191 -9.60 -14.70 -28.63
CA LEU B 191 -10.05 -14.15 -29.95
C LEU B 191 -9.91 -15.17 -31.11
N GLY B 192 -9.07 -16.19 -30.94
CA GLY B 192 -8.72 -17.19 -31.96
C GLY B 192 -7.37 -16.90 -32.59
N ARG B 193 -6.70 -17.96 -33.07
CA ARG B 193 -5.32 -17.98 -33.63
C ARG B 193 -5.16 -16.98 -34.78
N ASP B 194 -4.04 -16.27 -34.79
CA ASP B 194 -3.64 -15.20 -35.75
C ASP B 194 -4.74 -14.13 -35.80
N SER B 195 -5.90 -14.45 -36.41
CA SER B 195 -7.16 -13.68 -36.25
C SER B 195 -6.90 -12.16 -36.30
N ALA B 196 -7.47 -11.49 -37.30
CA ALA B 196 -7.32 -10.03 -37.54
C ALA B 196 -7.95 -9.22 -36.40
N THR B 197 -8.84 -9.81 -35.61
CA THR B 197 -9.51 -9.11 -34.47
C THR B 197 -8.49 -8.74 -33.38
N TRP B 198 -7.30 -9.37 -33.37
CA TRP B 198 -6.16 -8.98 -32.49
C TRP B 198 -5.83 -7.49 -32.65
N MET B 199 -5.83 -7.01 -33.89
CA MET B 199 -5.48 -5.61 -34.26
C MET B 199 -6.43 -4.57 -33.62
N GLU B 200 -7.60 -4.98 -33.14
CA GLU B 200 -8.52 -4.09 -32.39
C GLU B 200 -8.02 -3.92 -30.95
N TYR B 201 -7.05 -4.72 -30.49
CA TYR B 201 -6.66 -4.75 -29.06
C TYR B 201 -5.15 -4.62 -28.90
N ASP B 202 -4.49 -3.84 -29.75
CA ASP B 202 -3.03 -3.67 -29.66
C ASP B 202 -2.74 -2.18 -29.74
N ALA B 203 -2.34 -1.59 -28.61
CA ALA B 203 -2.13 -0.13 -28.52
C ALA B 203 -1.30 0.35 -29.72
N SER B 204 -0.17 -0.29 -30.02
CA SER B 204 0.81 0.24 -30.99
C SER B 204 0.28 0.15 -32.43
N VAL B 205 -0.60 -0.81 -32.72
CA VAL B 205 -1.28 -0.91 -34.05
C VAL B 205 -2.30 0.22 -34.14
N LEU B 206 -3.05 0.46 -33.07
CA LEU B 206 -4.17 1.44 -33.06
C LEU B 206 -3.60 2.85 -33.17
N MET B 207 -2.53 3.11 -32.41
CA MET B 207 -1.88 4.45 -32.33
C MET B 207 -1.35 4.86 -33.71
N ARG B 208 -1.01 3.89 -34.57
CA ARG B 208 -0.47 4.09 -35.95
C ARG B 208 -1.56 4.62 -36.90
N GLN B 209 -2.80 4.14 -36.78
CA GLN B 209 -3.93 4.47 -37.68
C GLN B 209 -4.79 5.55 -37.02
N ALA B 210 -4.37 6.10 -35.89
CA ALA B 210 -5.18 6.99 -35.02
C ALA B 210 -5.47 8.36 -35.69
N THR B 211 -6.73 8.79 -35.60
CA THR B 211 -7.30 10.06 -36.11
C THR B 211 -7.40 11.08 -34.97
N GLN B 212 -8.30 10.82 -34.00
CA GLN B 212 -8.59 11.75 -32.88
C GLN B 212 -7.61 11.36 -31.79
N PHE B 213 -6.98 12.36 -31.17
CA PHE B 213 -5.80 12.18 -30.28
C PHE B 213 -6.23 12.31 -28.82
N VAL B 214 -5.76 11.41 -27.96
CA VAL B 214 -5.88 11.54 -26.48
C VAL B 214 -4.48 11.72 -25.90
N PRO B 215 -4.26 12.80 -25.15
CA PRO B 215 -2.95 13.02 -24.56
C PRO B 215 -2.58 11.75 -23.76
N ALA B 216 -1.35 11.25 -23.97
CA ALA B 216 -0.87 10.00 -23.39
C ALA B 216 0.42 10.25 -22.62
N LEU B 217 0.53 9.70 -21.41
CA LEU B 217 1.77 9.72 -20.60
C LEU B 217 2.11 8.30 -20.18
N VAL B 218 3.36 7.88 -20.47
CA VAL B 218 3.83 6.49 -20.20
C VAL B 218 5.13 6.57 -19.41
N ASP B 219 5.17 5.89 -18.27
CA ASP B 219 6.35 5.71 -17.40
C ASP B 219 6.77 4.24 -17.46
N GLN B 220 8.05 3.98 -17.70
CA GLN B 220 8.62 2.61 -17.74
C GLN B 220 9.89 2.58 -16.89
N GLY B 221 9.99 1.58 -16.02
CA GLY B 221 11.19 1.29 -15.21
C GLY B 221 12.26 0.69 -16.09
N ASP B 222 13.47 1.27 -16.03
CA ASP B 222 14.76 0.82 -16.64
C ASP B 222 15.07 -0.62 -16.19
N ALA B 223 14.80 -0.95 -14.92
CA ALA B 223 15.25 -2.20 -14.27
C ALA B 223 14.07 -3.19 -14.13
N ASP B 224 13.02 -2.97 -14.91
CA ASP B 224 11.85 -3.88 -15.05
C ASP B 224 12.30 -5.19 -15.72
N ASN B 225 11.98 -6.33 -15.12
CA ASN B 225 12.42 -7.66 -15.62
C ASN B 225 11.67 -8.04 -16.90
N PHE B 226 10.53 -7.40 -17.18
CA PHE B 226 9.68 -7.77 -18.33
C PHE B 226 9.86 -6.80 -19.50
N LEU B 227 10.75 -5.80 -19.38
CA LEU B 227 10.89 -4.67 -20.34
C LEU B 227 11.10 -5.20 -21.77
N VAL B 228 12.07 -6.09 -21.95
CA VAL B 228 12.52 -6.52 -23.30
C VAL B 228 11.47 -7.51 -23.82
N GLU B 229 11.11 -8.50 -23.01
CA GLU B 229 10.34 -9.67 -23.49
C GLU B 229 8.87 -9.28 -23.71
N GLN B 230 8.25 -8.52 -22.80
CA GLN B 230 6.76 -8.41 -22.75
C GLN B 230 6.27 -7.02 -23.16
N LEU B 231 6.98 -5.96 -22.77
CA LEU B 231 6.39 -4.61 -22.59
C LEU B 231 6.64 -3.75 -23.84
N LYS B 232 7.88 -3.77 -24.33
CA LYS B 232 8.28 -3.24 -25.66
C LYS B 232 7.88 -1.76 -25.78
N PRO B 233 8.27 -0.90 -24.81
CA PRO B 233 7.90 0.52 -24.84
C PRO B 233 8.39 1.23 -26.13
N GLU B 234 9.52 0.80 -26.67
CA GLU B 234 10.10 1.36 -27.92
C GLU B 234 9.19 1.11 -29.14
N VAL B 235 8.33 0.12 -29.12
CA VAL B 235 7.36 -0.09 -30.23
C VAL B 235 6.28 0.98 -30.12
N LEU B 236 6.02 1.47 -28.91
CA LEU B 236 4.94 2.47 -28.72
C LEU B 236 5.47 3.84 -29.15
N GLU B 237 6.75 4.08 -28.84
CA GLU B 237 7.47 5.31 -29.27
C GLU B 237 7.39 5.39 -30.79
N ALA B 238 7.68 4.30 -31.50
CA ALA B 238 7.68 4.25 -32.98
C ALA B 238 6.25 4.40 -33.50
N ALA B 239 5.25 3.99 -32.74
CA ALA B 239 3.86 4.05 -33.23
C ALA B 239 3.45 5.51 -33.31
N ALA B 240 3.97 6.31 -32.39
CA ALA B 240 3.57 7.73 -32.22
C ALA B 240 4.17 8.59 -33.35
N LYS B 241 5.32 8.19 -33.90
CA LYS B 241 6.02 8.93 -35.01
C LYS B 241 5.16 8.92 -36.29
N VAL B 242 4.35 7.89 -36.52
CA VAL B 242 3.60 7.75 -37.79
C VAL B 242 2.63 8.94 -37.95
N LYS B 243 1.75 9.20 -36.97
CA LYS B 243 0.77 10.31 -37.08
C LYS B 243 1.22 11.53 -36.27
N GLY B 244 2.32 11.46 -35.53
CA GLY B 244 2.67 12.49 -34.52
C GLY B 244 1.68 12.47 -33.36
N TYR B 245 1.37 11.28 -32.82
CA TYR B 245 0.45 11.08 -31.68
C TYR B 245 1.06 11.73 -30.43
N PRO B 246 0.25 12.39 -29.55
CA PRO B 246 0.76 13.06 -28.35
C PRO B 246 1.08 12.11 -27.19
N LEU B 247 2.17 11.35 -27.38
CA LEU B 247 2.69 10.37 -26.42
C LEU B 247 3.91 10.97 -25.75
N GLU B 248 3.91 11.09 -24.43
CA GLU B 248 5.14 11.30 -23.66
C GLU B 248 5.47 9.96 -23.02
N LEU B 249 6.63 9.42 -23.34
CA LEU B 249 7.09 8.15 -22.74
C LEU B 249 8.41 8.39 -22.02
N ASN B 250 8.46 8.10 -20.71
CA ASN B 250 9.64 8.29 -19.83
C ASN B 250 10.19 6.95 -19.37
N TYR B 251 11.50 6.74 -19.56
CA TYR B 251 12.26 5.64 -18.95
C TYR B 251 12.83 6.12 -17.61
N ARG B 252 12.41 5.50 -16.51
CA ARG B 252 12.89 5.84 -15.16
C ARG B 252 14.02 4.88 -14.76
N GLU B 253 15.24 5.42 -14.64
CA GLU B 253 16.48 4.70 -14.28
C GLU B 253 16.32 3.99 -12.91
N GLY B 254 16.59 2.69 -12.84
CA GLY B 254 16.66 1.89 -11.61
C GLY B 254 15.28 1.41 -11.11
N TYR B 255 14.18 1.82 -11.76
CA TYR B 255 12.81 1.48 -11.32
C TYR B 255 12.41 0.13 -11.91
N ASP B 256 11.77 -0.71 -11.09
CA ASP B 256 11.31 -2.08 -11.45
C ASP B 256 9.84 -2.02 -11.87
N HIS B 257 9.11 -3.13 -11.74
CA HIS B 257 7.74 -3.32 -12.27
C HIS B 257 6.69 -3.13 -11.18
N SER B 258 7.15 -2.92 -9.94
CA SER B 258 6.41 -3.07 -8.66
C SER B 258 5.59 -1.82 -8.34
N TYR B 259 4.81 -1.88 -7.26
CA TYR B 259 4.03 -0.72 -6.76
C TYR B 259 4.98 0.30 -6.16
N TYR B 260 6.26 -0.04 -5.94
CA TYR B 260 7.25 0.94 -5.45
C TYR B 260 7.56 1.92 -6.59
N PHE B 261 7.66 1.43 -7.83
CA PHE B 261 7.73 2.25 -9.08
C PHE B 261 6.45 3.09 -9.23
N ILE B 262 5.29 2.46 -9.34
CA ILE B 262 3.99 3.15 -9.54
C ILE B 262 3.80 4.26 -8.49
N SER B 263 3.97 3.95 -7.20
CA SER B 263 3.77 4.93 -6.09
C SER B 263 4.69 6.16 -6.29
N SER B 264 5.92 5.94 -6.79
CA SER B 264 6.96 6.97 -7.04
C SER B 264 6.54 8.04 -8.06
N PHE B 265 5.59 7.76 -8.97
CA PHE B 265 5.24 8.68 -10.08
C PHE B 265 3.74 8.88 -10.20
N ILE B 266 2.94 8.34 -9.29
CA ILE B 266 1.46 8.42 -9.40
C ILE B 266 1.00 9.89 -9.23
N GLU B 267 1.68 10.68 -8.39
CA GLU B 267 1.43 12.15 -8.26
C GLU B 267 1.42 12.78 -9.66
N ASN B 268 2.53 12.62 -10.37
CA ASN B 268 2.74 13.24 -11.70
C ASN B 268 1.62 12.80 -12.62
N HIS B 269 1.25 11.52 -12.60
CA HIS B 269 0.15 11.00 -13.43
C HIS B 269 -1.15 11.67 -13.01
N LEU B 270 -1.35 11.88 -11.73
CA LEU B 270 -2.61 12.49 -11.26
C LEU B 270 -2.68 13.95 -11.69
N ARG B 271 -1.60 14.71 -11.59
CA ARG B 271 -1.55 16.12 -12.07
C ARG B 271 -1.84 16.17 -13.57
N PHE B 272 -1.21 15.29 -14.34
CA PHE B 272 -1.42 15.21 -15.80
C PHE B 272 -2.90 15.02 -16.09
N HIS B 273 -3.60 14.13 -15.38
CA HIS B 273 -5.03 13.89 -15.64
C HIS B 273 -5.84 15.09 -15.13
N ALA B 274 -5.50 15.66 -13.98
CA ALA B 274 -6.24 16.82 -13.42
C ALA B 274 -6.24 17.96 -14.44
N GLU B 275 -5.08 18.27 -15.00
CA GLU B 275 -4.92 19.23 -16.12
C GLU B 275 -6.00 18.97 -17.17
N HIS B 276 -6.06 17.79 -17.76
CA HIS B 276 -6.93 17.50 -18.93
C HIS B 276 -8.39 17.33 -18.49
N LEU B 277 -8.66 16.95 -17.24
CA LEU B 277 -10.03 16.80 -16.70
C LEU B 277 -10.62 18.17 -16.37
N GLY B 278 -9.81 19.11 -15.90
CA GLY B 278 -10.26 20.35 -15.22
C GLY B 278 -11.33 21.09 -16.01
#